data_3R33
#
_entry.id   3R33
#
_cell.length_a   34.130
_cell.length_b   45.110
_cell.length_c   97.720
_cell.angle_alpha   90.00
_cell.angle_beta   90.00
_cell.angle_gamma   90.00
#
_symmetry.space_group_name_H-M   'P 21 21 21'
#
loop_
_entity.id
_entity.type
_entity.pdbx_description
1 polymer 'Dihydrofolate reductase'
2 non-polymer (6S)-6-methyl-5,6,7,8-tetrahydroquinazoline-2,4-diamine
3 non-polymer 'NADPH DIHYDRO-NICOTINAMIDE-ADENINE-DINUCLEOTIDE PHOSPHATE'
4 non-polymer 'CALCIUM ION'
5 non-polymer 'CHLORIDE ION'
6 water water
#
_entity_poly.entity_id   1
_entity_poly.type   'polypeptide(L)'
_entity_poly.pdbx_seq_one_letter_code
;MISLIAALAVDRVIGMENAMPWNLPADLAWFKRNTLDKPVIMGRHTWESIGRPLPGRKNIILSSQPGTDDRVTWVKSVDE
AIAACGDVPEIMVIGGGRVYEQFLPKAQKLYLTHIDAEVEGDTHFPDYEPDDWESVFSEFHDADAQNSHSYCFEILERR
;
_entity_poly.pdbx_strand_id   A
#
# COMPACT_ATOMS: atom_id res chain seq x y z
N MET A 1 3.16 7.85 -13.38
CA MET A 1 3.80 7.91 -12.08
C MET A 1 3.16 6.82 -11.18
N ILE A 2 3.96 5.80 -10.91
CA ILE A 2 3.63 4.65 -10.07
C ILE A 2 4.17 4.93 -8.69
N SER A 3 3.28 4.82 -7.69
N SER A 3 3.28 4.82 -7.71
CA SER A 3 3.59 5.04 -6.28
CA SER A 3 2.38 6.06 -5.63
CA SER A 3 3.60 4.98 -6.30
C SER A 3 3.07 3.87 -5.43
C SER A 3 3.18 3.71 -5.57
N LEU A 4 3.90 3.38 -4.51
CA LEU A 4 3.53 2.31 -3.61
C LEU A 4 3.10 3.03 -2.32
N ILE A 5 2.03 2.57 -1.70
CA ILE A 5 1.63 3.07 -0.39
C ILE A 5 1.49 1.85 0.56
N ALA A 6 2.15 1.89 1.73
CA ALA A 6 2.14 0.79 2.71
C ALA A 6 2.39 1.25 4.15
N ALA A 7 1.96 0.43 5.13
CA ALA A 7 2.16 0.64 6.58
C ALA A 7 3.09 -0.47 7.15
N LEU A 8 4.31 -0.07 7.58
CA LEU A 8 5.37 -0.99 8.05
C LEU A 8 5.54 -0.85 9.52
N ALA A 9 5.51 -1.96 10.22
CA ALA A 9 5.79 -1.97 11.65
C ALA A 9 7.26 -2.37 11.75
N VAL A 10 7.76 -2.68 12.97
CA VAL A 10 9.14 -3.08 13.19
C VAL A 10 9.54 -4.23 12.23
N ASP A 11 10.75 -4.13 11.66
CA ASP A 11 11.37 -5.08 10.73
C ASP A 11 10.61 -5.19 9.43
N ARG A 12 9.91 -4.10 9.01
CA ARG A 12 9.14 -4.02 7.77
C ARG A 12 7.98 -4.99 7.69
N VAL A 13 7.46 -5.46 8.83
CA VAL A 13 6.32 -6.39 8.86
C VAL A 13 5.08 -5.61 8.42
N ILE A 14 4.33 -6.16 7.43
CA ILE A 14 3.12 -5.53 6.88
C ILE A 14 1.83 -6.32 7.10
N GLY A 15 1.96 -7.59 7.49
CA GLY A 15 0.80 -8.44 7.70
C GLY A 15 1.03 -9.75 8.39
N MET A 16 -0.06 -10.32 8.91
CA MET A 16 -0.05 -11.62 9.57
C MET A 16 -1.40 -12.26 9.27
N GLU A 17 -1.37 -13.43 8.67
CA GLU A 17 -2.57 -14.21 8.32
C GLU A 17 -3.68 -13.37 7.69
N ASN A 18 -3.31 -12.61 6.64
CA ASN A 18 -4.20 -11.70 5.89
C ASN A 18 -4.85 -10.53 6.67
N ALA A 19 -4.22 -10.10 7.77
CA ALA A 19 -4.67 -8.93 8.53
C ALA A 19 -3.48 -8.03 8.77
N MET A 20 -3.74 -6.78 9.14
CA MET A 20 -2.76 -5.78 9.54
C MET A 20 -3.00 -5.69 11.05
N PRO A 21 -2.16 -6.35 11.87
CA PRO A 21 -2.46 -6.45 13.30
C PRO A 21 -2.03 -5.28 14.20
N TRP A 22 -2.72 -4.14 14.03
CA TRP A 22 -2.47 -2.96 14.83
C TRP A 22 -3.71 -2.09 14.79
N ASN A 23 -3.88 -1.25 15.82
CA ASN A 23 -4.99 -0.33 15.92
CA ASN A 23 -5.00 -0.32 15.87
C ASN A 23 -4.46 1.09 15.69
N LEU A 24 -4.57 1.56 14.43
CA LEU A 24 -4.04 2.86 14.05
CA LEU A 24 -4.04 2.86 14.05
C LEU A 24 -4.93 3.57 13.01
N PRO A 25 -6.09 4.14 13.45
CA PRO A 25 -6.98 4.82 12.50
C PRO A 25 -6.36 6.04 11.80
N ALA A 26 -5.25 6.59 12.33
CA ALA A 26 -4.59 7.72 11.69
C ALA A 26 -4.01 7.29 10.32
N ASP A 27 -3.57 6.04 10.21
CA ASP A 27 -3.08 5.46 8.96
C ASP A 27 -4.24 5.29 7.94
N LEU A 28 -5.45 4.94 8.42
CA LEU A 28 -6.61 4.79 7.54
C LEU A 28 -6.96 6.11 6.88
N ALA A 29 -7.03 7.24 7.66
CA ALA A 29 -7.29 8.59 7.10
C ALA A 29 -6.18 8.99 6.12
N TRP A 30 -4.89 8.77 6.47
CA TRP A 30 -3.74 9.02 5.61
C TRP A 30 -3.87 8.20 4.31
N PHE A 31 -4.19 6.92 4.43
CA PHE A 31 -4.36 6.05 3.26
C PHE A 31 -5.48 6.59 2.36
N LYS A 32 -6.65 6.90 2.94
CA LYS A 32 -7.77 7.46 2.18
C LYS A 32 -7.41 8.79 1.48
N ARG A 33 -6.78 9.71 2.21
CA ARG A 33 -6.34 11.04 1.73
CA ARG A 33 -6.45 11.00 1.62
C ARG A 33 -5.40 10.96 0.52
N ASN A 34 -4.50 9.96 0.55
CA ASN A 34 -3.47 9.82 -0.46
C ASN A 34 -3.81 8.92 -1.65
N THR A 35 -4.93 8.19 -1.60
CA THR A 35 -5.36 7.28 -2.65
C THR A 35 -6.71 7.71 -3.30
N LEU A 36 -7.50 8.55 -2.62
CA LEU A 36 -8.79 8.97 -3.15
C LEU A 36 -8.62 9.55 -4.55
N ASP A 37 -9.52 9.14 -5.47
CA ASP A 37 -9.57 9.68 -6.84
C ASP A 37 -8.38 9.31 -7.67
N LYS A 38 -7.79 8.13 -7.38
CA LYS A 38 -6.61 7.59 -8.08
C LYS A 38 -6.85 6.11 -8.29
N PRO A 39 -6.34 5.51 -9.39
CA PRO A 39 -6.46 4.05 -9.53
C PRO A 39 -5.60 3.36 -8.48
N VAL A 40 -6.16 2.28 -7.92
CA VAL A 40 -5.53 1.43 -6.93
C VAL A 40 -5.30 0.03 -7.50
N ILE A 41 -4.06 -0.46 -7.39
CA ILE A 41 -3.64 -1.78 -7.83
C ILE A 41 -3.37 -2.62 -6.60
N MET A 42 -3.96 -3.81 -6.56
CA MET A 42 -3.78 -4.72 -5.45
C MET A 42 -3.71 -6.18 -5.96
N GLY A 43 -3.09 -7.03 -5.13
CA GLY A 43 -3.04 -8.47 -5.37
C GLY A 43 -4.34 -9.10 -4.93
N ARG A 44 -4.61 -10.34 -5.39
CA ARG A 44 -5.84 -11.09 -5.05
C ARG A 44 -6.06 -11.22 -3.53
N HIS A 45 -5.00 -11.56 -2.76
CA HIS A 45 -5.10 -11.70 -1.29
C HIS A 45 -5.53 -10.40 -0.62
N THR A 46 -4.99 -9.26 -1.07
CA THR A 46 -5.43 -7.98 -0.51
C THR A 46 -6.89 -7.72 -0.88
N TRP A 47 -7.28 -8.03 -2.14
CA TRP A 47 -8.66 -7.85 -2.60
C TRP A 47 -9.65 -8.66 -1.77
N GLU A 48 -9.34 -9.93 -1.53
CA GLU A 48 -10.23 -10.78 -0.74
C GLU A 48 -10.43 -10.27 0.67
N SER A 49 -9.38 -9.66 1.26
N SER A 49 -9.38 -9.66 1.27
CA SER A 49 -9.34 -9.08 2.60
CA SER A 49 -9.39 -9.09 2.61
C SER A 49 -10.27 -7.87 2.78
C SER A 49 -10.31 -7.88 2.77
N ILE A 50 -10.37 -6.99 1.75
CA ILE A 50 -11.21 -5.80 1.81
C ILE A 50 -12.69 -6.11 1.54
N GLY A 51 -12.95 -7.19 0.79
CA GLY A 51 -14.30 -7.68 0.46
C GLY A 51 -15.21 -6.84 -0.42
N ARG A 52 -14.93 -5.53 -0.49
N ARG A 52 -14.95 -5.52 -0.47
CA ARG A 52 -15.73 -4.56 -1.24
CA ARG A 52 -15.75 -4.53 -1.20
C ARG A 52 -14.79 -3.61 -1.99
C ARG A 52 -14.80 -3.58 -1.97
N PRO A 53 -15.16 -3.11 -3.20
CA PRO A 53 -14.27 -2.17 -3.91
C PRO A 53 -14.20 -0.85 -3.12
N LEU A 54 -12.99 -0.29 -3.03
CA LEU A 54 -12.71 0.99 -2.37
C LEU A 54 -13.42 2.08 -3.15
N PRO A 55 -14.31 2.87 -2.51
CA PRO A 55 -15.05 3.91 -3.27
C PRO A 55 -14.18 5.02 -3.84
N GLY A 56 -14.66 5.63 -4.89
CA GLY A 56 -14.04 6.77 -5.57
C GLY A 56 -12.63 6.48 -6.03
N ARG A 57 -12.38 5.22 -6.45
CA ARG A 57 -11.10 4.73 -6.92
C ARG A 57 -11.38 3.56 -7.87
N LYS A 58 -10.76 3.58 -9.08
CA LYS A 58 -10.82 2.42 -9.97
C LYS A 58 -9.98 1.33 -9.28
N ASN A 59 -10.56 0.14 -9.04
CA ASN A 59 -9.88 -0.95 -8.35
C ASN A 59 -9.40 -1.95 -9.39
N ILE A 60 -8.09 -2.16 -9.44
CA ILE A 60 -7.42 -3.08 -10.36
C ILE A 60 -6.82 -4.21 -9.52
N ILE A 61 -7.27 -5.44 -9.79
CA ILE A 61 -6.86 -6.64 -9.06
C ILE A 61 -5.97 -7.54 -9.94
N LEU A 62 -4.82 -7.91 -9.40
CA LEU A 62 -3.89 -8.80 -10.08
C LEU A 62 -4.20 -10.22 -9.67
N SER A 63 -4.33 -11.14 -10.67
CA SER A 63 -4.56 -12.57 -10.49
C SER A 63 -4.18 -13.29 -11.78
N SER A 64 -3.55 -14.47 -11.68
CA SER A 64 -3.19 -15.26 -12.87
C SER A 64 -4.45 -15.91 -13.49
N GLN A 65 -5.51 -16.00 -12.68
CA GLN A 65 -6.78 -16.62 -13.05
C GLN A 65 -7.86 -15.65 -13.52
N PRO A 66 -8.90 -16.13 -14.25
CA PRO A 66 -9.99 -15.22 -14.64
C PRO A 66 -10.61 -14.60 -13.39
N GLY A 67 -11.12 -13.40 -13.56
CA GLY A 67 -11.72 -12.66 -12.47
C GLY A 67 -13.02 -13.27 -12.02
N THR A 68 -13.44 -12.93 -10.80
CA THR A 68 -14.65 -13.46 -10.18
C THR A 68 -15.59 -12.37 -9.62
N ASP A 69 -15.38 -11.11 -10.01
CA ASP A 69 -16.14 -9.95 -9.57
C ASP A 69 -16.08 -8.82 -10.64
N ASP A 70 -17.22 -8.50 -11.27
CA ASP A 70 -17.30 -7.47 -12.31
C ASP A 70 -17.34 -6.03 -11.81
N ARG A 71 -17.35 -5.86 -10.49
CA ARG A 71 -17.35 -4.52 -9.89
C ARG A 71 -15.95 -3.94 -9.99
N VAL A 72 -14.94 -4.80 -10.20
CA VAL A 72 -13.54 -4.40 -10.30
C VAL A 72 -12.94 -4.79 -11.65
N THR A 73 -11.74 -4.27 -11.93
CA THR A 73 -10.98 -4.53 -13.15
C THR A 73 -9.95 -5.62 -12.85
N TRP A 74 -10.02 -6.73 -13.59
CA TRP A 74 -9.11 -7.85 -13.40
C TRP A 74 -7.96 -7.79 -14.38
N VAL A 75 -6.74 -8.10 -13.91
N VAL A 75 -6.74 -8.10 -13.89
CA VAL A 75 -5.52 -8.13 -14.76
CA VAL A 75 -5.49 -8.08 -14.65
C VAL A 75 -4.62 -9.34 -14.44
C VAL A 75 -4.60 -9.33 -14.40
N LYS A 76 -3.79 -9.74 -15.41
CA LYS A 76 -2.94 -10.93 -15.35
C LYS A 76 -1.44 -10.66 -15.35
N SER A 77 -1.04 -9.38 -15.30
CA SER A 77 0.39 -9.02 -15.27
C SER A 77 0.59 -7.62 -14.78
N VAL A 78 1.80 -7.29 -14.34
CA VAL A 78 2.16 -5.94 -13.86
C VAL A 78 1.90 -4.93 -14.99
N ASP A 79 2.44 -5.23 -16.19
CA ASP A 79 2.30 -4.31 -17.33
C ASP A 79 0.86 -4.11 -17.75
N GLU A 80 0.03 -5.17 -17.66
CA GLU A 80 -1.39 -5.03 -17.97
C GLU A 80 -2.11 -4.20 -16.85
N ALA A 81 -1.66 -4.28 -15.56
CA ALA A 81 -2.24 -3.48 -14.47
C ALA A 81 -2.02 -2.00 -14.70
N ILE A 82 -0.79 -1.64 -15.10
CA ILE A 82 -0.40 -0.24 -15.39
C ILE A 82 -1.18 0.29 -16.60
N ALA A 83 -1.26 -0.51 -17.69
CA ALA A 83 -1.98 -0.16 -18.93
C ALA A 83 -3.47 0.11 -18.65
N ALA A 84 -4.07 -0.74 -17.79
CA ALA A 84 -5.47 -0.63 -17.36
C ALA A 84 -5.79 0.70 -16.66
N CYS A 85 -4.75 1.39 -16.11
CA CYS A 85 -4.92 2.69 -15.44
C CYS A 85 -5.08 3.85 -16.41
N GLY A 86 -4.52 3.70 -17.63
CA GLY A 86 -4.54 4.73 -18.66
C GLY A 86 -3.60 5.87 -18.30
N ASP A 87 -3.86 7.08 -18.83
CA ASP A 87 -3.05 8.27 -18.57
C ASP A 87 -3.63 9.02 -17.36
N VAL A 88 -3.09 8.76 -16.18
CA VAL A 88 -3.55 9.39 -14.95
C VAL A 88 -2.36 10.05 -14.24
N PRO A 89 -2.54 11.15 -13.48
CA PRO A 89 -1.38 11.77 -12.81
C PRO A 89 -0.63 10.82 -11.85
N GLU A 90 -1.32 9.86 -11.21
CA GLU A 90 -0.68 8.94 -10.24
C GLU A 90 -1.43 7.63 -10.08
N ILE A 91 -0.68 6.52 -10.04
CA ILE A 91 -1.20 5.15 -9.80
C ILE A 91 -0.74 4.72 -8.39
N MET A 92 -1.67 4.22 -7.56
CA MET A 92 -1.34 3.76 -6.20
C MET A 92 -1.38 2.23 -6.13
N VAL A 93 -0.25 1.62 -5.75
CA VAL A 93 -0.11 0.20 -5.56
C VAL A 93 -0.28 0.06 -4.05
N ILE A 94 -1.35 -0.64 -3.65
CA ILE A 94 -1.78 -0.76 -2.25
C ILE A 94 -1.55 -2.12 -1.54
N GLY A 95 -0.80 -3.03 -2.18
CA GLY A 95 -0.45 -4.31 -1.58
C GLY A 95 -0.88 -5.55 -2.34
N GLY A 96 -0.58 -6.74 -1.82
CA GLY A 96 0.17 -6.97 -0.59
C GLY A 96 1.66 -7.08 -0.84
N GLY A 97 2.33 -7.90 -0.02
CA GLY A 97 3.77 -8.10 -0.08
C GLY A 97 4.31 -8.46 -1.45
N ARG A 98 3.73 -9.50 -2.09
CA ARG A 98 4.20 -9.95 -3.41
C ARG A 98 4.01 -8.90 -4.50
N VAL A 99 2.91 -8.13 -4.42
CA VAL A 99 2.65 -7.05 -5.36
C VAL A 99 3.68 -5.88 -5.18
N TYR A 100 4.02 -5.53 -3.92
CA TYR A 100 5.01 -4.48 -3.64
C TYR A 100 6.37 -4.83 -4.21
N GLU A 101 6.79 -6.12 -4.10
CA GLU A 101 8.09 -6.58 -4.62
C GLU A 101 8.23 -6.32 -6.13
N GLN A 102 7.20 -6.71 -6.89
CA GLN A 102 7.14 -6.55 -8.33
C GLN A 102 7.02 -5.09 -8.80
N PHE A 103 6.29 -4.25 -8.07
CA PHE A 103 6.10 -2.85 -8.46
C PHE A 103 7.19 -1.89 -8.01
N LEU A 104 7.94 -2.27 -6.96
CA LEU A 104 9.03 -1.46 -6.40
C LEU A 104 10.00 -0.97 -7.46
N PRO A 105 10.62 -1.83 -8.32
CA PRO A 105 11.52 -1.28 -9.34
C PRO A 105 10.80 -0.34 -10.30
N LYS A 106 9.50 -0.49 -10.45
CA LYS A 106 8.78 0.39 -11.36
C LYS A 106 8.27 1.69 -10.69
N ALA A 107 8.22 1.77 -9.34
CA ALA A 107 7.68 2.93 -8.62
C ALA A 107 8.66 4.13 -8.59
N GLN A 108 8.09 5.35 -8.53
CA GLN A 108 8.87 6.60 -8.45
C GLN A 108 8.72 7.27 -7.06
N LYS A 109 7.77 6.78 -6.26
CA LYS A 109 7.43 7.36 -4.98
C LYS A 109 6.90 6.29 -4.02
N LEU A 110 7.19 6.45 -2.73
CA LEU A 110 6.76 5.55 -1.65
C LEU A 110 6.17 6.39 -0.55
N TYR A 111 4.94 6.06 -0.11
CA TYR A 111 4.24 6.69 0.99
C TYR A 111 4.28 5.64 2.12
N LEU A 112 5.13 5.84 3.11
CA LEU A 112 5.27 4.84 4.15
C LEU A 112 4.82 5.35 5.52
N THR A 113 4.08 4.50 6.23
CA THR A 113 3.69 4.78 7.61
C THR A 113 4.58 3.86 8.42
N HIS A 114 5.58 4.43 9.13
CA HIS A 114 6.46 3.63 9.98
C HIS A 114 5.81 3.52 11.39
N ILE A 115 5.25 2.34 11.69
CA ILE A 115 4.56 2.12 12.97
C ILE A 115 5.50 1.59 14.04
N ASP A 116 5.46 2.16 15.26
CA ASP A 116 6.26 1.69 16.39
C ASP A 116 5.48 0.58 17.14
N ALA A 117 5.38 -0.59 16.50
CA ALA A 117 4.64 -1.75 17.00
C ALA A 117 5.46 -2.99 16.81
N GLU A 118 5.52 -3.87 17.83
CA GLU A 118 6.22 -5.15 17.72
C GLU A 118 5.19 -6.16 17.22
N VAL A 119 5.30 -6.56 15.95
N VAL A 119 5.33 -6.59 15.96
CA VAL A 119 4.35 -7.52 15.38
CA VAL A 119 4.38 -7.51 15.36
C VAL A 119 5.02 -8.72 14.73
C VAL A 119 5.01 -8.72 14.71
N GLU A 120 4.48 -9.92 15.06
CA GLU A 120 4.86 -11.17 14.44
CA GLU A 120 4.86 -11.18 14.45
C GLU A 120 4.14 -11.18 13.09
N GLY A 121 4.90 -11.32 12.02
CA GLY A 121 4.32 -11.33 10.69
C GLY A 121 4.71 -12.52 9.85
N ASP A 122 4.01 -12.65 8.71
CA ASP A 122 4.25 -13.65 7.69
C ASP A 122 4.37 -12.89 6.35
N THR A 123 4.35 -11.53 6.41
CA THR A 123 4.43 -10.66 5.23
C THR A 123 5.30 -9.46 5.55
N HIS A 124 6.21 -9.11 4.63
CA HIS A 124 7.11 -7.98 4.84
C HIS A 124 7.08 -7.07 3.62
N PHE A 125 7.40 -5.77 3.83
CA PHE A 125 7.53 -4.83 2.72
C PHE A 125 8.87 -5.16 2.05
N PRO A 126 9.12 -4.95 0.74
CA PRO A 126 10.46 -5.29 0.20
C PRO A 126 11.58 -4.47 0.85
N ASP A 127 12.82 -4.98 0.75
CA ASP A 127 14.00 -4.35 1.33
C ASP A 127 14.57 -3.31 0.35
N TYR A 128 13.95 -2.13 0.31
CA TYR A 128 14.36 -1.02 -0.56
C TYR A 128 15.69 -0.42 -0.09
N GLU A 129 16.52 -0.10 -1.07
CA GLU A 129 17.84 0.50 -0.98
C GLU A 129 17.72 1.98 -0.51
N PRO A 130 18.22 2.33 0.71
CA PRO A 130 18.12 3.72 1.20
C PRO A 130 18.76 4.78 0.30
N ASP A 131 19.86 4.42 -0.41
CA ASP A 131 20.59 5.34 -1.30
C ASP A 131 19.79 5.73 -2.54
N ASP A 132 18.80 4.93 -2.95
CA ASP A 132 17.99 5.18 -4.14
C ASP A 132 16.79 6.09 -3.90
N TRP A 133 16.48 6.38 -2.62
CA TRP A 133 15.29 7.13 -2.21
C TRP A 133 15.56 8.37 -1.36
N GLU A 134 14.84 9.44 -1.68
CA GLU A 134 15.02 10.63 -0.86
C GLU A 134 13.73 10.95 -0.14
N SER A 135 13.82 11.16 1.18
CA SER A 135 12.68 11.52 2.01
C SER A 135 12.38 12.98 1.73
N VAL A 136 11.17 13.27 1.30
CA VAL A 136 10.76 14.65 0.96
C VAL A 136 9.65 15.15 1.90
N PHE A 137 9.06 14.21 2.66
CA PHE A 137 8.05 14.44 3.69
C PHE A 137 8.29 13.40 4.80
N SER A 138 8.25 13.83 6.08
CA SER A 138 8.43 12.95 7.24
C SER A 138 7.73 13.55 8.46
N GLU A 139 6.53 13.06 8.80
CA GLU A 139 5.80 13.59 9.94
C GLU A 139 5.53 12.56 11.02
N PHE A 140 6.18 12.75 12.18
CA PHE A 140 6.05 11.90 13.38
C PHE A 140 4.91 12.34 14.26
N HIS A 141 4.17 11.35 14.82
CA HIS A 141 3.07 11.59 15.74
C HIS A 141 3.16 10.65 16.89
N ASP A 142 2.93 11.17 18.10
CA ASP A 142 2.92 10.33 19.28
C ASP A 142 1.60 9.62 19.32
N ALA A 143 1.52 8.54 20.12
CA ALA A 143 0.31 7.77 20.30
C ALA A 143 -0.65 8.67 21.06
N ASP A 144 -1.95 8.40 20.97
CA ASP A 144 -3.01 9.13 21.67
C ASP A 144 -4.09 8.12 22.04
N ALA A 145 -5.30 8.61 22.47
CA ALA A 145 -6.44 7.78 22.87
C ALA A 145 -6.97 6.87 21.74
N GLN A 146 -6.82 7.28 20.46
CA GLN A 146 -7.32 6.56 19.31
C GLN A 146 -6.27 5.67 18.63
N ASN A 147 -4.99 6.07 18.71
CA ASN A 147 -3.85 5.41 18.06
C ASN A 147 -2.90 4.86 19.09
N SER A 148 -2.86 3.52 19.20
CA SER A 148 -2.06 2.76 20.18
C SER A 148 -0.53 2.79 20.03
N HIS A 149 -0.02 3.35 18.95
CA HIS A 149 1.43 3.44 18.71
C HIS A 149 1.81 4.79 18.20
N SER A 150 3.09 5.13 18.33
CA SER A 150 3.63 6.32 17.71
C SER A 150 3.91 5.89 16.26
N TYR A 151 3.79 6.83 15.32
CA TYR A 151 3.96 6.53 13.90
C TYR A 151 4.54 7.74 13.19
N CYS A 152 5.00 7.53 11.96
CA CYS A 152 5.60 8.55 11.13
C CYS A 152 5.14 8.37 9.71
N PHE A 153 4.61 9.44 9.08
CA PHE A 153 4.19 9.41 7.68
C PHE A 153 5.39 9.85 6.86
N GLU A 154 5.83 9.03 5.93
CA GLU A 154 6.98 9.40 5.14
C GLU A 154 6.71 9.27 3.67
N ILE A 155 7.22 10.23 2.90
CA ILE A 155 7.17 10.21 1.45
C ILE A 155 8.61 10.24 0.93
N LEU A 156 8.95 9.19 0.16
CA LEU A 156 10.25 9.05 -0.47
CA LEU A 156 10.24 8.94 -0.47
C LEU A 156 10.11 9.08 -2.00
N GLU A 157 10.98 9.87 -2.64
CA GLU A 157 10.99 9.98 -4.10
CA GLU A 157 11.01 10.03 -4.09
C GLU A 157 12.29 9.39 -4.63
N ARG A 158 12.19 8.55 -5.67
CA ARG A 158 13.35 7.88 -6.29
C ARG A 158 14.32 8.95 -6.79
N ARG A 159 15.58 8.91 -6.33
CA ARG A 159 16.63 9.88 -6.69
C ARG A 159 16.94 9.88 -8.19
#